data_4COV
#
_entry.id   4COV
#
_cell.length_a   41.520
_cell.length_b   63.290
_cell.length_c   110.300
_cell.angle_alpha   90.00
_cell.angle_beta   90.00
_cell.angle_gamma   90.00
#
_symmetry.space_group_name_H-M   'P 21 21 21'
#
loop_
_entity.id
_entity.type
_entity.pdbx_description
1 polymer 'EPITHELIAL ADHESIN 6'
2 branched alpha-D-galactopyranose-(1-3)-beta-D-galactopyranose
3 non-polymer 'CALCIUM ION'
4 non-polymer 'ACETATE ION'
5 water water
#
_entity_poly.entity_id   1
_entity_poly.type   'polypeptide(L)'
_entity_poly.pdbx_seq_one_letter_code
;MGSSHHHHHHSSGLVPRGSHMKDDYSSSLSNNNLGWTDPTEFPLGCSPNVTTPKNGLSMELYSYDYLKSGSNPCWDAAYL
DPNYPRTGYKSHRLLAKVENVAGNINFYYHAPMGCTSLFDTLPQAYNYRTPLTMTNFTMLLYGYFKPKVTGYHTFTISAD
DLLFVNFGAGNAFDCCKRESSADDFGNYQAYAVWGSQTAKDDLTVHLDAGLYYPIRIFFNNRDNDGALSLTLKTESDPNP
VIDFSDYFYSFDDTKDGCPGLVSYDTS
;
_entity_poly.pdbx_strand_id   A
#
# COMPACT_ATOMS: atom_id res chain seq x y z
N GLY A 35 -6.07 -16.96 -13.90
CA GLY A 35 -6.90 -16.58 -12.73
C GLY A 35 -7.16 -15.08 -12.65
N TRP A 36 -8.40 -14.72 -12.34
CA TRP A 36 -8.83 -13.31 -12.30
C TRP A 36 -7.96 -12.46 -11.36
N THR A 37 -7.71 -12.97 -10.15
CA THR A 37 -6.96 -12.21 -9.15
C THR A 37 -5.44 -12.48 -9.19
N ASP A 38 -4.99 -13.32 -10.10
CA ASP A 38 -3.56 -13.66 -10.17
C ASP A 38 -2.73 -12.48 -10.65
N PRO A 39 -1.49 -12.36 -10.14
CA PRO A 39 -0.60 -11.29 -10.53
C PRO A 39 0.00 -11.49 -11.94
N THR A 40 0.05 -10.42 -12.74
CA THR A 40 0.61 -10.48 -14.09
C THR A 40 1.51 -9.28 -14.47
N GLU A 41 2.29 -9.47 -15.54
CA GLU A 41 3.13 -8.42 -16.13
C GLU A 41 2.31 -7.42 -16.96
N PHE A 42 1.08 -7.80 -17.33
CA PHE A 42 0.18 -6.92 -18.06
C PHE A 42 -1.10 -6.75 -17.27
N PRO A 43 -1.03 -6.02 -16.14
CA PRO A 43 -2.20 -5.89 -15.27
C PRO A 43 -3.35 -5.14 -15.94
N LEU A 44 -4.56 -5.43 -15.49
CA LEU A 44 -5.76 -4.77 -16.02
C LEU A 44 -5.95 -3.40 -15.37
N GLY A 45 -6.21 -2.39 -16.20
CA GLY A 45 -6.50 -1.04 -15.72
C GLY A 45 -7.96 -0.69 -15.94
N CYS A 46 -8.34 0.50 -15.47
CA CYS A 46 -9.74 0.92 -15.45
C CYS A 46 -9.93 2.29 -16.08
N SER A 47 -11.17 2.56 -16.49
CA SER A 47 -11.54 3.84 -17.10
C SER A 47 -12.74 4.46 -16.39
N PRO A 48 -12.52 5.03 -15.18
CA PRO A 48 -13.60 5.72 -14.49
C PRO A 48 -13.97 7.02 -15.19
N ASN A 49 -15.12 7.59 -14.87
CA ASN A 49 -15.39 8.94 -15.33
C ASN A 49 -14.59 9.94 -14.48
N VAL A 50 -13.80 10.75 -15.16
CA VAL A 50 -12.78 11.58 -14.53
C VAL A 50 -13.21 13.05 -14.56
N THR A 51 -14.41 13.31 -14.06
CA THR A 51 -14.83 14.67 -13.76
C THR A 51 -14.48 14.90 -12.29
N THR A 52 -13.75 15.98 -12.01
CA THR A 52 -13.26 16.31 -10.67
C THR A 52 -12.71 15.08 -9.93
N PRO A 53 -11.55 14.58 -10.40
CA PRO A 53 -11.00 13.33 -9.86
C PRO A 53 -10.29 13.55 -8.55
N LYS A 54 -10.57 12.67 -7.59
CA LYS A 54 -10.06 12.82 -6.23
C LYS A 54 -8.59 12.42 -6.17
N ASN A 55 -7.77 13.36 -5.73
CA ASN A 55 -6.33 13.16 -5.63
CA ASN A 55 -6.33 13.14 -5.65
C ASN A 55 -5.96 12.25 -4.46
N GLY A 56 -4.99 11.38 -4.68
CA GLY A 56 -4.43 10.55 -3.62
C GLY A 56 -5.16 9.26 -3.35
N LEU A 57 -4.55 8.45 -2.48
CA LEU A 57 -5.13 7.18 -2.06
C LEU A 57 -5.94 7.36 -0.78
N SER A 58 -6.72 6.33 -0.46
CA SER A 58 -7.37 6.23 0.85
C SER A 58 -6.46 5.45 1.77
N MET A 59 -6.53 5.77 3.06
CA MET A 59 -5.77 5.07 4.09
C MET A 59 -6.66 4.67 5.26
N GLU A 60 -6.37 3.50 5.84
CA GLU A 60 -6.91 3.11 7.12
C GLU A 60 -5.77 2.72 8.05
N LEU A 61 -5.80 3.24 9.27
CA LEU A 61 -4.81 2.92 10.31
C LEU A 61 -5.46 2.09 11.40
N TYR A 62 -4.75 1.05 11.84
CA TYR A 62 -5.22 0.15 12.90
C TYR A 62 -4.14 -0.03 13.96
N SER A 63 -4.57 -0.30 15.19
CA SER A 63 -3.64 -0.59 16.27
C SER A 63 -2.88 -1.88 16.00
N TYR A 64 -1.71 -1.98 16.62
CA TYR A 64 -0.93 -3.20 16.63
C TYR A 64 -0.23 -3.34 17.99
N ASP A 65 -1.04 -3.60 19.02
CA ASP A 65 -0.54 -3.65 20.39
C ASP A 65 0.59 -4.64 20.56
N TYR A 66 1.51 -4.30 21.45
CA TYR A 66 2.48 -5.26 21.95
C TYR A 66 1.81 -6.34 22.79
N LEU A 67 2.52 -7.45 22.97
CA LEU A 67 2.14 -8.44 23.98
C LEU A 67 2.43 -7.86 25.37
N LYS A 68 2.05 -8.58 26.41
CA LYS A 68 2.23 -8.11 27.79
C LYS A 68 3.66 -7.62 28.03
N SER A 69 3.79 -6.48 28.71
CA SER A 69 5.10 -5.89 28.95
C SER A 69 6.05 -6.90 29.59
N GLY A 70 7.26 -6.99 29.03
CA GLY A 70 8.26 -7.94 29.50
C GLY A 70 8.30 -9.26 28.72
N SER A 71 7.36 -9.43 27.80
CA SER A 71 7.29 -10.66 27.01
C SER A 71 8.50 -10.79 26.10
N ASN A 72 8.89 -12.03 25.83
CA ASN A 72 9.96 -12.32 24.90
C ASN A 72 9.54 -13.58 24.14
N PRO A 73 9.14 -13.42 22.86
CA PRO A 73 9.12 -12.21 22.04
C PRO A 73 8.13 -11.15 22.54
N CYS A 74 8.47 -9.88 22.41
CA CYS A 74 7.63 -8.79 22.94
C CYS A 74 6.50 -8.39 22.00
N TRP A 75 6.68 -8.66 20.72
CA TRP A 75 5.77 -8.20 19.68
C TRP A 75 4.72 -9.26 19.37
N ASP A 76 3.54 -8.80 18.96
CA ASP A 76 2.47 -9.67 18.47
C ASP A 76 2.91 -10.25 17.12
N ALA A 77 2.75 -11.57 16.96
CA ALA A 77 3.19 -12.26 15.75
C ALA A 77 2.09 -12.37 14.70
N ALA A 78 0.90 -11.83 15.01
CA ALA A 78 -0.25 -11.93 14.09
C ALA A 78 0.07 -11.45 12.69
N TYR A 79 0.93 -10.44 12.56
CA TYR A 79 1.20 -9.82 11.26
C TYR A 79 1.74 -10.79 10.21
N LEU A 80 2.31 -11.92 10.65
CA LEU A 80 2.84 -12.95 9.77
C LEU A 80 1.79 -13.99 9.37
N ASP A 81 0.60 -13.94 9.98
CA ASP A 81 -0.46 -14.85 9.62
C ASP A 81 -0.96 -14.52 8.21
N PRO A 82 -1.14 -15.55 7.37
CA PRO A 82 -1.56 -15.27 5.98
C PRO A 82 -2.83 -14.45 5.84
N ASN A 83 -3.72 -14.55 6.83
CA ASN A 83 -4.98 -13.81 6.78
C ASN A 83 -5.01 -12.52 7.60
N TYR A 84 -3.89 -12.17 8.26
CA TYR A 84 -3.87 -10.91 8.97
C TYR A 84 -4.13 -9.72 8.02
N PRO A 85 -3.50 -9.71 6.81
CA PRO A 85 -3.77 -8.61 5.86
C PRO A 85 -5.12 -8.64 5.16
N ARG A 86 -5.86 -9.73 5.33
CA ARG A 86 -7.15 -9.88 4.65
C ARG A 86 -8.29 -9.50 5.57
N THR A 87 -8.39 -10.17 6.72
CA THR A 87 -9.42 -9.85 7.71
C THR A 87 -8.90 -9.70 9.14
N GLY A 88 -7.71 -10.21 9.45
CA GLY A 88 -7.20 -10.17 10.82
C GLY A 88 -7.07 -8.77 11.41
N TYR A 89 -6.59 -7.83 10.61
CA TYR A 89 -6.40 -6.45 11.07
C TYR A 89 -7.70 -5.83 11.57
N LYS A 90 -8.84 -6.31 11.06
CA LYS A 90 -10.14 -5.79 11.47
C LYS A 90 -10.49 -6.12 12.93
N SER A 91 -9.79 -7.09 13.52
CA SER A 91 -9.95 -7.41 14.95
C SER A 91 -9.20 -6.43 15.84
N HIS A 92 -8.35 -5.59 15.24
CA HIS A 92 -7.64 -4.56 15.99
C HIS A 92 -8.48 -3.28 16.01
N ARG A 93 -8.01 -2.28 16.74
CA ARG A 93 -8.74 -1.02 16.85
C ARG A 93 -8.54 -0.17 15.61
N LEU A 94 -9.65 0.30 15.04
CA LEU A 94 -9.58 1.27 13.95
C LEU A 94 -9.12 2.59 14.53
N LEU A 95 -8.03 3.12 14.00
CA LEU A 95 -7.52 4.42 14.45
C LEU A 95 -8.06 5.55 13.60
N ALA A 96 -8.10 5.37 12.29
CA ALA A 96 -8.53 6.45 11.41
C ALA A 96 -8.79 5.97 10.00
N LYS A 97 -9.73 6.65 9.33
CA LYS A 97 -9.87 6.58 7.89
C LYS A 97 -9.46 7.93 7.34
N VAL A 98 -8.57 7.91 6.36
CA VAL A 98 -7.98 9.12 5.81
C VAL A 98 -8.10 9.09 4.29
N GLU A 99 -8.33 10.25 3.68
CA GLU A 99 -8.37 10.38 2.24
C GLU A 99 -7.25 11.29 1.77
N ASN A 100 -7.01 11.31 0.47
CA ASN A 100 -6.05 12.21 -0.17
C ASN A 100 -4.62 12.00 0.29
N VAL A 101 -4.21 10.74 0.40
CA VAL A 101 -2.83 10.40 0.68
C VAL A 101 -2.05 10.50 -0.62
N ALA A 102 -1.16 11.48 -0.70
CA ALA A 102 -0.46 11.78 -1.94
C ALA A 102 0.86 12.48 -1.65
N GLY A 103 1.87 12.11 -2.42
CA GLY A 103 3.20 12.68 -2.33
C GLY A 103 4.23 11.60 -2.18
N ASN A 104 5.33 11.93 -1.50
CA ASN A 104 6.33 10.94 -1.14
C ASN A 104 5.90 10.27 0.16
N ILE A 105 5.55 8.98 0.08
CA ILE A 105 5.04 8.24 1.24
C ILE A 105 6.13 7.46 1.99
N ASN A 106 7.38 7.65 1.58
CA ASN A 106 8.48 6.88 2.14
C ASN A 106 8.92 7.44 3.48
N PHE A 107 9.31 6.57 4.39
CA PHE A 107 9.83 7.00 5.68
C PHE A 107 10.73 5.95 6.31
N TYR A 108 11.68 6.42 7.11
CA TYR A 108 12.36 5.55 8.07
C TYR A 108 12.19 6.17 9.45
N TYR A 109 11.46 5.46 10.31
CA TYR A 109 11.28 5.85 11.70
C TYR A 109 12.27 5.08 12.58
N HIS A 110 13.16 5.82 13.24
CA HIS A 110 14.15 5.25 14.15
CA HIS A 110 14.15 5.25 14.15
C HIS A 110 13.59 5.25 15.57
N ALA A 111 13.29 4.06 16.11
CA ALA A 111 12.72 3.97 17.45
C ALA A 111 13.80 4.19 18.51
N PRO A 112 13.55 5.09 19.47
CA PRO A 112 14.47 5.30 20.59
C PRO A 112 14.80 4.02 21.37
N MET A 113 13.76 3.20 21.63
CA MET A 113 13.90 1.97 22.38
CA MET A 113 13.89 1.97 22.38
C MET A 113 13.08 0.88 21.70
N GLY A 114 13.55 -0.37 21.79
CA GLY A 114 12.82 -1.52 21.29
C GLY A 114 11.82 -2.04 22.30
N CYS A 115 10.88 -2.87 21.85
CA CYS A 115 9.84 -3.44 22.71
C CYS A 115 9.11 -2.39 23.53
N THR A 116 8.98 -1.20 22.96
CA THR A 116 8.39 -0.06 23.66
C THR A 116 7.54 0.73 22.67
N SER A 117 6.31 1.02 23.08
CA SER A 117 5.39 1.77 22.24
C SER A 117 5.71 3.26 22.37
N LEU A 118 5.97 3.91 21.24
CA LEU A 118 6.35 5.32 21.23
C LEU A 118 5.56 6.09 20.20
N PHE A 119 5.20 7.31 20.57
CA PHE A 119 4.33 8.15 19.74
C PHE A 119 5.15 9.13 18.93
N ASP A 120 4.81 9.22 17.65
CA ASP A 120 5.48 10.12 16.73
C ASP A 120 4.54 10.29 15.54
N THR A 121 4.99 10.97 14.49
CA THR A 121 4.12 11.35 13.39
C THR A 121 4.55 10.79 12.04
N LEU A 122 3.56 10.55 11.18
CA LEU A 122 3.81 10.15 9.80
C LEU A 122 4.23 11.35 8.95
N PRO A 123 4.88 11.09 7.80
CA PRO A 123 5.22 12.16 6.87
C PRO A 123 3.98 12.92 6.38
N GLN A 124 4.19 14.15 5.92
CA GLN A 124 3.11 15.03 5.46
C GLN A 124 2.18 14.38 4.44
N ALA A 125 2.74 13.55 3.55
CA ALA A 125 1.96 12.95 2.46
C ALA A 125 0.75 12.15 2.95
N TYR A 126 0.85 11.60 4.17
CA TYR A 126 -0.21 10.77 4.74
C TYR A 126 -1.44 11.55 5.23
N ASN A 127 -1.35 12.89 5.25
CA ASN A 127 -2.50 13.72 5.58
C ASN A 127 -3.07 13.36 6.95
N TYR A 128 -2.17 13.06 7.89
CA TYR A 128 -2.54 12.59 9.21
C TYR A 128 -1.57 13.21 10.21
N ARG A 129 -2.02 14.27 10.88
CA ARG A 129 -1.13 15.14 11.67
C ARG A 129 -0.89 14.68 13.10
N THR A 130 -1.83 13.92 13.68
CA THR A 130 -1.76 13.59 15.10
C THR A 130 -0.78 12.44 15.36
N PRO A 131 -0.13 12.44 16.54
CA PRO A 131 0.81 11.37 16.85
C PRO A 131 0.12 10.02 16.94
N LEU A 132 0.83 8.98 16.52
CA LEU A 132 0.39 7.60 16.65
C LEU A 132 1.58 6.76 17.09
N THR A 133 1.33 5.49 17.37
CA THR A 133 2.39 4.58 17.79
C THR A 133 3.18 4.10 16.58
N MET A 134 4.17 4.91 16.18
CA MET A 134 4.99 4.61 15.01
C MET A 134 5.81 3.33 15.15
N THR A 135 6.06 2.93 16.40
CA THR A 135 6.75 1.68 16.73
C THR A 135 5.93 0.43 16.43
N ASN A 136 4.61 0.58 16.40
CA ASN A 136 3.74 -0.58 16.29
C ASN A 136 2.35 -0.19 15.80
N PHE A 137 2.13 -0.43 14.51
CA PHE A 137 0.84 -0.11 13.88
C PHE A 137 0.66 -0.84 12.56
N THR A 138 -0.60 -0.86 12.11
CA THR A 138 -1.00 -1.47 10.84
C THR A 138 -1.57 -0.37 9.96
N MET A 139 -1.25 -0.41 8.67
CA MET A 139 -1.71 0.62 7.72
C MET A 139 -2.07 0.00 6.39
N LEU A 140 -3.27 0.32 5.93
CA LEU A 140 -3.78 -0.09 4.63
C LEU A 140 -3.95 1.14 3.74
N LEU A 141 -3.42 1.08 2.52
CA LEU A 141 -3.65 2.11 1.51
C LEU A 141 -4.26 1.47 0.29
N TYR A 142 -5.21 2.16 -0.34
CA TYR A 142 -5.80 1.66 -1.58
C TYR A 142 -6.28 2.81 -2.45
N GLY A 143 -6.36 2.53 -3.74
CA GLY A 143 -6.83 3.51 -4.72
C GLY A 143 -6.36 3.08 -6.08
N TYR A 144 -5.99 4.05 -6.91
CA TYR A 144 -5.62 3.78 -8.29
C TYR A 144 -4.32 4.49 -8.64
N PHE A 145 -3.50 3.82 -9.44
CA PHE A 145 -2.26 4.37 -9.98
C PHE A 145 -2.46 4.77 -11.44
N LYS A 146 -2.13 6.02 -11.75
CA LYS A 146 -2.22 6.60 -13.10
C LYS A 146 -0.80 6.82 -13.61
N PRO A 147 -0.38 6.09 -14.67
CA PRO A 147 0.94 6.35 -15.24
C PRO A 147 1.00 7.67 -16.00
N LYS A 148 2.21 8.20 -16.14
CA LYS A 148 2.46 9.39 -16.96
C LYS A 148 2.86 9.01 -18.38
N VAL A 149 3.64 7.93 -18.50
CA VAL A 149 4.15 7.50 -19.80
C VAL A 149 3.82 6.03 -19.99
N THR A 150 3.21 5.70 -21.11
CA THR A 150 2.92 4.31 -21.45
C THR A 150 4.23 3.54 -21.59
N GLY A 151 4.32 2.40 -20.93
CA GLY A 151 5.49 1.53 -21.02
C GLY A 151 5.74 0.72 -19.77
N TYR A 152 6.94 0.17 -19.67
CA TYR A 152 7.31 -0.65 -18.51
C TYR A 152 7.55 0.21 -17.27
N HIS A 153 7.03 -0.27 -16.14
CA HIS A 153 7.17 0.39 -14.85
C HIS A 153 7.72 -0.64 -13.88
N THR A 154 8.81 -0.29 -13.18
CA THR A 154 9.35 -1.15 -12.14
C THR A 154 9.17 -0.48 -10.78
N PHE A 155 8.33 -1.07 -9.94
CA PHE A 155 8.10 -0.59 -8.58
C PHE A 155 8.97 -1.42 -7.65
N THR A 156 9.79 -0.75 -6.86
CA THR A 156 10.65 -1.44 -5.90
C THR A 156 10.20 -1.09 -4.50
N ILE A 157 10.15 -2.09 -3.63
CA ILE A 157 9.72 -1.90 -2.25
C ILE A 157 10.71 -2.46 -1.24
N SER A 158 10.78 -1.80 -0.10
CA SER A 158 11.41 -2.35 1.09
C SER A 158 10.59 -1.90 2.28
N ALA A 159 10.59 -2.70 3.34
CA ALA A 159 9.85 -2.34 4.53
C ALA A 159 10.40 -2.96 5.81
N ASP A 160 10.12 -2.27 6.90
CA ASP A 160 10.25 -2.78 8.25
C ASP A 160 8.93 -2.47 8.93
N ASP A 161 8.06 -3.45 9.17
CA ASP A 161 8.32 -4.89 9.03
C ASP A 161 7.81 -5.56 7.78
N LEU A 162 6.70 -5.05 7.24
CA LEU A 162 5.97 -5.79 6.23
C LEU A 162 5.30 -4.84 5.25
N LEU A 163 5.45 -5.13 3.96
CA LEU A 163 4.73 -4.41 2.92
C LEU A 163 4.30 -5.40 1.84
N PHE A 164 2.99 -5.52 1.64
CA PHE A 164 2.40 -6.40 0.64
C PHE A 164 1.64 -5.55 -0.37
N VAL A 165 1.98 -5.71 -1.65
CA VAL A 165 1.42 -4.88 -2.72
C VAL A 165 0.65 -5.74 -3.71
N ASN A 166 -0.60 -5.35 -3.94
CA ASN A 166 -1.40 -5.86 -5.06
C ASN A 166 -1.52 -4.75 -6.09
N PHE A 167 -1.61 -5.13 -7.35
CA PHE A 167 -1.62 -4.16 -8.44
C PHE A 167 -2.39 -4.72 -9.63
N GLY A 168 -3.37 -3.96 -10.09
CA GLY A 168 -4.19 -4.34 -11.25
C GLY A 168 -5.59 -4.76 -10.86
N ALA A 169 -6.52 -4.61 -11.80
CA ALA A 169 -7.90 -5.02 -11.54
C ALA A 169 -7.95 -6.52 -11.31
N GLY A 170 -8.77 -6.94 -10.34
CA GLY A 170 -8.80 -8.34 -9.91
C GLY A 170 -7.78 -8.59 -8.82
N ASN A 171 -6.51 -8.44 -9.16
CA ASN A 171 -5.44 -8.68 -8.19
C ASN A 171 -5.57 -7.82 -6.94
N ALA A 172 -5.81 -6.53 -7.12
CA ALA A 172 -6.05 -5.62 -5.99
C ALA A 172 -7.55 -5.59 -5.69
N PHE A 173 -8.33 -5.08 -6.64
CA PHE A 173 -9.79 -5.05 -6.52
C PHE A 173 -10.36 -4.75 -7.89
N ASP A 174 -11.69 -4.82 -8.03
CA ASP A 174 -12.34 -4.67 -9.34
C ASP A 174 -12.63 -3.22 -9.67
N CYS A 175 -12.60 -2.89 -10.97
CA CYS A 175 -12.74 -1.52 -11.45
C CYS A 175 -14.03 -0.85 -10.97
N CYS A 176 -13.90 0.19 -10.15
CA CYS A 176 -15.04 0.91 -9.57
C CYS A 176 -16.01 -0.03 -8.83
N LYS A 177 -15.48 -1.12 -8.29
CA LYS A 177 -16.24 -2.04 -7.44
C LYS A 177 -15.33 -2.48 -6.30
N ARG A 178 -14.63 -1.51 -5.71
CA ARG A 178 -13.69 -1.80 -4.64
C ARG A 178 -14.35 -2.36 -3.39
N GLU A 179 -15.39 -1.67 -2.91
CA GLU A 179 -16.06 -2.10 -1.67
C GLU A 179 -16.47 -3.57 -1.72
N SER A 180 -17.09 -3.98 -2.84
CA SER A 180 -17.56 -5.36 -2.98
C SER A 180 -16.46 -6.41 -3.21
N SER A 181 -15.26 -5.98 -3.62
CA SER A 181 -14.17 -6.91 -3.91
C SER A 181 -12.95 -6.67 -3.01
N ALA A 182 -13.10 -5.84 -1.98
CA ALA A 182 -11.96 -5.35 -1.18
C ALA A 182 -11.16 -6.45 -0.50
N ASP A 183 -11.83 -7.50 -0.04
CA ASP A 183 -11.16 -8.59 0.70
C ASP A 183 -10.74 -9.76 -0.19
N ASP A 184 -10.94 -9.63 -1.50
CA ASP A 184 -10.71 -10.73 -2.43
C ASP A 184 -9.43 -10.57 -3.26
N PHE A 185 -8.53 -9.73 -2.78
CA PHE A 185 -7.24 -9.53 -3.46
C PHE A 185 -6.48 -10.85 -3.60
N GLY A 186 -5.68 -10.94 -4.65
CA GLY A 186 -4.98 -12.17 -5.00
C GLY A 186 -3.55 -12.20 -4.51
N ASN A 187 -2.75 -13.06 -5.12
CA ASN A 187 -1.35 -13.20 -4.76
C ASN A 187 -0.64 -11.87 -4.96
N TYR A 188 0.27 -11.56 -4.04
CA TYR A 188 0.92 -10.26 -4.07
C TYR A 188 1.84 -10.11 -5.28
N GLN A 189 1.80 -8.92 -5.87
N GLN A 189 1.81 -8.92 -5.88
CA GLN A 189 2.71 -8.53 -6.94
CA GLN A 189 2.72 -8.57 -6.97
C GLN A 189 4.14 -8.34 -6.44
C GLN A 189 4.14 -8.33 -6.45
N ALA A 190 4.24 -7.80 -5.23
CA ALA A 190 5.53 -7.64 -4.56
C ALA A 190 5.28 -7.74 -3.06
N TYR A 191 6.27 -8.25 -2.35
CA TYR A 191 6.18 -8.37 -0.90
C TYR A 191 7.55 -8.27 -0.27
N ALA A 192 7.59 -7.63 0.89
CA ALA A 192 8.83 -7.47 1.64
C ALA A 192 8.52 -7.67 3.11
N VAL A 193 9.29 -8.54 3.75
CA VAL A 193 9.17 -8.81 5.18
C VAL A 193 10.56 -8.77 5.82
N TRP A 194 10.74 -7.83 6.74
CA TRP A 194 11.99 -7.69 7.46
C TRP A 194 12.33 -9.01 8.17
N GLY A 195 13.59 -9.43 8.03
CA GLY A 195 14.06 -10.65 8.68
C GLY A 195 13.81 -11.93 7.88
N SER A 196 13.06 -11.83 6.79
CA SER A 196 12.75 -12.98 5.96
C SER A 196 13.73 -13.08 4.81
N GLN A 197 13.58 -14.09 3.97
CA GLN A 197 14.43 -14.23 2.78
C GLN A 197 14.07 -13.24 1.67
N THR A 198 12.96 -12.53 1.83
CA THR A 198 12.56 -11.47 0.88
C THR A 198 12.20 -10.22 1.68
N ALA A 199 13.21 -9.41 1.95
CA ALA A 199 13.05 -8.16 2.71
C ALA A 199 12.99 -6.94 1.78
N LYS A 200 13.13 -7.20 0.49
CA LYS A 200 13.07 -6.20 -0.56
C LYS A 200 12.57 -6.92 -1.80
N ASP A 201 11.78 -6.24 -2.62
CA ASP A 201 11.17 -6.88 -3.79
C ASP A 201 10.83 -5.83 -4.84
N ASP A 202 10.52 -6.29 -6.04
CA ASP A 202 10.02 -5.39 -7.06
C ASP A 202 9.01 -6.07 -7.97
N LEU A 203 8.31 -5.23 -8.73
CA LEU A 203 7.36 -5.70 -9.72
CA LEU A 203 7.32 -5.66 -9.70
C LEU A 203 7.54 -4.87 -10.98
N THR A 204 7.56 -5.57 -12.12
CA THR A 204 7.70 -4.90 -13.41
C THR A 204 6.43 -5.17 -14.23
N VAL A 205 5.77 -4.09 -14.63
CA VAL A 205 4.49 -4.17 -15.33
C VAL A 205 4.46 -3.20 -16.49
N HIS A 206 3.82 -3.60 -17.59
CA HIS A 206 3.61 -2.70 -18.71
C HIS A 206 2.25 -2.03 -18.51
N LEU A 207 2.25 -0.70 -18.51
CA LEU A 207 1.03 0.08 -18.22
C LEU A 207 0.74 1.08 -19.34
N ASP A 208 -0.53 1.44 -19.47
CA ASP A 208 -0.96 2.49 -20.39
C ASP A 208 -1.29 3.75 -19.60
N ALA A 209 -0.75 4.89 -20.04
CA ALA A 209 -0.95 6.17 -19.35
C ALA A 209 -2.39 6.67 -19.32
N GLY A 210 -3.26 6.11 -20.18
CA GLY A 210 -4.66 6.50 -20.20
C GLY A 210 -5.52 5.79 -19.16
N LEU A 211 -4.98 4.76 -18.51
CA LEU A 211 -5.76 3.93 -17.59
C LEU A 211 -5.37 4.15 -16.14
N TYR A 212 -6.28 3.77 -15.25
CA TYR A 212 -6.09 3.87 -13.81
C TYR A 212 -6.08 2.46 -13.21
N TYR A 213 -4.99 2.11 -12.51
CA TYR A 213 -4.76 0.73 -12.07
C TYR A 213 -5.00 0.57 -10.58
N PRO A 214 -5.95 -0.31 -10.19
CA PRO A 214 -6.17 -0.59 -8.78
C PRO A 214 -4.88 -0.99 -8.09
N ILE A 215 -4.66 -0.39 -6.92
CA ILE A 215 -3.48 -0.68 -6.13
C ILE A 215 -3.89 -0.82 -4.67
N ARG A 216 -3.29 -1.81 -4.00
CA ARG A 216 -3.49 -2.02 -2.57
C ARG A 216 -2.12 -2.21 -1.92
N ILE A 217 -1.86 -1.44 -0.87
CA ILE A 217 -0.59 -1.48 -0.16
C ILE A 217 -0.89 -1.73 1.33
N PHE A 218 -0.35 -2.83 1.87
CA PHE A 218 -0.59 -3.20 3.26
C PHE A 218 0.72 -3.21 4.03
N PHE A 219 0.76 -2.43 5.11
CA PHE A 219 1.97 -2.24 5.91
C PHE A 219 1.78 -2.62 7.37
N ASN A 220 2.83 -3.17 7.97
CA ASN A 220 2.85 -3.38 9.40
C ASN A 220 4.22 -3.10 10.00
N ASN A 221 4.22 -2.36 11.10
CA ASN A 221 5.37 -2.32 11.99
C ASN A 221 5.00 -3.06 13.27
N ARG A 222 5.75 -4.11 13.60
CA ARG A 222 5.45 -4.93 14.78
C ARG A 222 6.08 -4.38 16.06
N ASP A 223 7.13 -3.56 15.90
CA ASP A 223 8.05 -3.24 17.00
C ASP A 223 9.18 -2.36 16.48
N ASN A 224 9.66 -1.44 17.32
CA ASN A 224 10.93 -0.76 17.06
C ASN A 224 10.90 0.05 15.75
N ASP A 225 11.97 0.01 14.95
CA ASP A 225 12.04 0.80 13.72
C ASP A 225 10.89 0.45 12.78
N GLY A 226 10.40 1.45 12.08
CA GLY A 226 9.42 1.25 11.02
C GLY A 226 9.92 1.92 9.76
N ALA A 227 9.73 1.27 8.61
CA ALA A 227 10.22 1.83 7.36
C ALA A 227 9.37 1.38 6.19
N LEU A 228 9.17 2.30 5.25
CA LEU A 228 8.44 2.01 4.02
C LEU A 228 9.16 2.75 2.91
N SER A 229 9.55 2.01 1.87
CA SER A 229 10.10 2.63 0.66
C SER A 229 9.38 2.07 -0.57
N LEU A 230 8.76 2.98 -1.34
CA LEU A 230 8.22 2.68 -2.65
C LEU A 230 8.89 3.62 -3.65
N THR A 231 9.49 3.05 -4.70
CA THR A 231 10.07 3.83 -5.78
C THR A 231 9.62 3.28 -7.12
N LEU A 232 9.64 4.13 -8.14
CA LEU A 232 9.26 3.76 -9.49
C LEU A 232 10.38 4.11 -10.46
N LYS A 233 10.70 3.16 -11.34
CA LYS A 233 11.67 3.39 -12.41
C LYS A 233 11.00 3.10 -13.75
N THR A 234 11.13 4.04 -14.69
CA THR A 234 10.77 3.85 -16.10
C THR A 234 11.94 4.32 -16.96
N GLU A 235 11.90 4.01 -18.24
CA GLU A 235 12.95 4.46 -19.18
C GLU A 235 12.94 5.97 -19.46
N SER A 236 11.79 6.61 -19.23
CA SER A 236 11.65 8.05 -19.50
C SER A 236 12.47 8.94 -18.56
N ASP A 237 12.89 8.39 -17.42
CA ASP A 237 13.66 9.13 -16.43
C ASP A 237 14.79 8.26 -15.90
N PRO A 238 16.06 8.74 -16.00
CA PRO A 238 17.16 7.92 -15.48
C PRO A 238 17.17 7.77 -13.95
N ASN A 239 16.43 8.62 -13.25
CA ASN A 239 16.32 8.54 -11.79
C ASN A 239 14.95 8.02 -11.35
N PRO A 240 14.90 7.35 -10.20
CA PRO A 240 13.63 6.85 -9.69
C PRO A 240 12.65 7.97 -9.33
N VAL A 241 11.36 7.65 -9.43
CA VAL A 241 10.29 8.49 -8.94
C VAL A 241 9.99 8.07 -7.50
N ILE A 242 9.96 9.05 -6.60
CA ILE A 242 9.66 8.83 -5.19
C ILE A 242 8.47 9.68 -4.70
N ASP A 243 8.09 10.69 -5.48
CA ASP A 243 6.96 11.55 -5.17
C ASP A 243 5.81 11.16 -6.10
N PHE A 244 4.76 10.57 -5.52
CA PHE A 244 3.64 10.03 -6.29
C PHE A 244 2.41 10.96 -6.32
N SER A 245 2.64 12.24 -6.03
CA SER A 245 1.58 13.26 -6.04
C SER A 245 0.65 13.17 -7.26
N ASP A 246 1.26 13.06 -8.44
CA ASP A 246 0.51 13.11 -9.71
C ASP A 246 0.03 11.73 -10.19
N TYR A 247 0.32 10.69 -9.41
CA TYR A 247 0.09 9.30 -9.82
C TYR A 247 -1.03 8.59 -9.07
N PHE A 248 -1.37 9.06 -7.87
CA PHE A 248 -2.33 8.37 -7.00
C PHE A 248 -3.70 9.04 -7.06
N TYR A 249 -4.74 8.24 -7.25
CA TYR A 249 -6.11 8.73 -7.36
C TYR A 249 -7.10 7.83 -6.64
N SER A 250 -8.25 8.41 -6.32
CA SER A 250 -9.38 7.68 -5.76
C SER A 250 -10.60 7.92 -6.62
N PHE A 251 -11.46 6.90 -6.73
CA PHE A 251 -12.71 6.98 -7.52
C PHE A 251 -13.84 6.29 -6.77
N ASP A 252 -15.04 6.87 -6.83
CA ASP A 252 -16.21 6.24 -6.26
C ASP A 252 -16.55 4.96 -7.01
N ASP A 253 -17.10 3.98 -6.31
CA ASP A 253 -17.61 2.79 -6.95
C ASP A 253 -18.89 3.12 -7.73
N THR A 254 -19.16 2.33 -8.77
CA THR A 254 -20.41 2.47 -9.53
C THR A 254 -21.06 1.11 -9.64
N LYS A 255 -22.36 1.09 -9.92
CA LYS A 255 -23.10 -0.17 -9.93
C LYS A 255 -22.58 -1.11 -11.02
N ASP A 256 -22.20 -0.56 -12.17
CA ASP A 256 -21.75 -1.37 -13.32
C ASP A 256 -20.23 -1.53 -13.42
N GLY A 257 -19.49 -0.75 -12.64
CA GLY A 257 -18.03 -0.78 -12.72
C GLY A 257 -17.51 0.08 -13.85
N CYS A 258 -16.19 0.14 -13.99
CA CYS A 258 -15.55 1.02 -14.97
C CYS A 258 -14.38 0.30 -15.66
N PRO A 259 -14.68 -0.73 -16.46
CA PRO A 259 -13.60 -1.46 -17.12
C PRO A 259 -12.74 -0.58 -18.04
N GLY A 260 -11.48 -0.98 -18.21
CA GLY A 260 -10.56 -0.23 -19.06
C GLY A 260 -11.03 -0.13 -20.50
N LEU A 261 -10.95 1.07 -21.06
CA LEU A 261 -11.43 1.33 -22.44
C LEU A 261 -10.29 1.53 -23.44
N VAL A 262 -9.08 1.18 -23.03
CA VAL A 262 -7.91 1.07 -23.90
C VAL A 262 -7.41 -0.37 -23.77
N SER A 263 -7.21 -1.03 -24.91
CA SER A 263 -6.87 -2.46 -24.93
C SER A 263 -6.05 -2.79 -26.17
N TYR A 264 -5.10 -3.71 -26.03
CA TYR A 264 -4.20 -4.08 -27.13
C TYR A 264 -4.18 -5.59 -27.33
#